data_8ZVN
#
_entry.id   8ZVN
#
_cell.length_a   88.320
_cell.length_b   55.970
_cell.length_c   53.190
_cell.angle_alpha   90.000
_cell.angle_beta   98.910
_cell.angle_gamma   90.000
#
_symmetry.space_group_name_H-M   'C 1 2 1'
#
loop_
_entity.id
_entity.type
_entity.pdbx_description
1 polymer 'Probable esterase KAI2'
2 non-polymer GLYCEROL
3 non-polymer (2~{S})-2-[(2-nitro-4-phenyl-phenyl)methyl]-2~{H}-furan-5-one
4 non-polymer 'SULFATE ION'
5 water water
#
_entity_poly.entity_id   1
_entity_poly.type   'polypeptide(L)'
_entity_poly.pdbx_seq_one_letter_code
;MGVVEEAHNVKVIGSGEATIVLGHGFGTDQSVWKHLVPHLVDDYRVVLYDNMGAGTTNPDYFDFDRYSNLEGYSFDLIAI
LEDLKIESCIFVGHSVSAMIGVLASLNRPDLFSKIVMISASPRYVNDVDYQGGFEQEDLNQLFEAIRSNYKAWCLGFAPL
AVGGDMDSIAVQEFSRTLFNMRPDIALSVGQTIFQSDMRQILPFVTVPCHILQSVKDLAVPVVVSEYLHANLGCESVVEV
IPSDGHLPQLSSPDSVIPVILRHIRNDIAMENLYFQ
;
_entity_poly.pdbx_strand_id   A
#
loop_
_chem_comp.id
_chem_comp.type
_chem_comp.name
_chem_comp.formula
A1L2E non-polymer (2~{S})-2-[(2-nitro-4-phenyl-phenyl)methyl]-2~{H}-furan-5-one 'C17 H13 N O4'
GOL non-polymer GLYCEROL 'C3 H8 O3'
SO4 non-polymer 'SULFATE ION' 'O4 S -2'
#
# COMPACT_ATOMS: atom_id res chain seq x y z
N MET A 1 -7.12 16.87 16.74
CA MET A 1 -7.99 15.76 16.38
C MET A 1 -8.12 14.74 17.51
N GLY A 2 -8.90 13.68 17.27
CA GLY A 2 -9.11 12.66 18.28
C GLY A 2 -7.93 11.71 18.41
N VAL A 3 -8.07 10.77 19.36
CA VAL A 3 -6.99 9.83 19.61
C VAL A 3 -6.68 8.98 18.37
N VAL A 4 -7.71 8.58 17.62
CA VAL A 4 -7.36 7.68 16.52
C VAL A 4 -6.70 8.46 15.39
N GLU A 5 -7.03 9.75 15.25
CA GLU A 5 -6.37 10.55 14.22
C GLU A 5 -4.94 10.85 14.62
N GLU A 6 -4.72 11.24 15.88
CA GLU A 6 -3.36 11.48 16.36
C GLU A 6 -2.52 10.21 16.29
N ALA A 7 -3.12 9.07 16.63
CA ALA A 7 -2.39 7.80 16.64
C ALA A 7 -1.96 7.39 15.24
N HIS A 8 -2.63 7.85 14.22
CA HIS A 8 -2.28 7.50 12.86
C HIS A 8 -1.61 8.65 12.11
N ASN A 9 -1.33 9.77 12.81
CA ASN A 9 -0.67 10.93 12.18
C ASN A 9 -1.49 11.51 11.02
N VAL A 10 -2.81 11.57 11.22
CA VAL A 10 -3.70 11.99 10.15
C VAL A 10 -3.42 13.44 9.79
N LYS A 11 -3.16 13.71 8.50
CA LYS A 11 -3.14 15.07 7.99
C LYS A 11 -4.33 15.26 7.04
N VAL A 12 -4.96 16.43 7.12
CA VAL A 12 -6.05 16.80 6.21
C VAL A 12 -5.68 18.15 5.58
N ILE A 13 -5.59 18.17 4.25
CA ILE A 13 -5.09 19.35 3.53
C ILE A 13 -6.19 19.80 2.58
N GLY A 14 -6.77 20.96 2.85
CA GLY A 14 -7.81 21.51 2.02
C GLY A 14 -9.20 21.19 2.53
N SER A 15 -10.19 21.78 1.88
CA SER A 15 -11.58 21.48 2.20
C SER A 15 -12.32 21.10 0.93
N GLY A 16 -13.64 21.02 1.00
CA GLY A 16 -14.43 20.58 -0.13
C GLY A 16 -14.94 19.17 0.06
N GLU A 17 -15.93 18.81 -0.75
CA GLU A 17 -16.44 17.44 -0.74
C GLU A 17 -15.48 16.50 -1.45
N ALA A 18 -15.07 16.86 -2.67
CA ALA A 18 -14.15 16.02 -3.44
C ALA A 18 -12.91 15.70 -2.61
N THR A 19 -12.77 14.45 -2.20
CA THR A 19 -11.76 14.03 -1.23
C THR A 19 -10.96 12.84 -1.75
N ILE A 20 -9.67 12.81 -1.45
N ILE A 20 -9.67 12.80 -1.45
CA ILE A 20 -8.79 11.69 -1.80
CA ILE A 20 -8.82 11.67 -1.81
C ILE A 20 -8.08 11.25 -0.54
C ILE A 20 -8.05 11.24 -0.57
N VAL A 21 -8.08 9.94 -0.27
CA VAL A 21 -7.41 9.36 0.89
C VAL A 21 -6.28 8.50 0.36
N LEU A 22 -5.10 8.61 0.96
CA LEU A 22 -3.90 7.94 0.47
C LEU A 22 -3.33 7.05 1.56
N GLY A 23 -3.30 5.75 1.30
CA GLY A 23 -2.77 4.76 2.25
C GLY A 23 -1.47 4.16 1.74
N HIS A 24 -0.49 4.08 2.63
CA HIS A 24 0.85 3.67 2.23
C HIS A 24 1.09 2.18 2.49
N GLY A 25 2.20 1.70 1.95
CA GLY A 25 2.57 0.31 2.05
C GLY A 25 3.56 0.01 3.17
N PHE A 26 3.87 -1.27 3.31
N PHE A 26 3.85 -1.27 3.31
CA PHE A 26 4.72 -1.74 4.38
CA PHE A 26 4.76 -1.74 4.35
C PHE A 26 6.14 -1.18 4.26
C PHE A 26 6.12 -1.08 4.22
N GLY A 27 6.65 -0.64 5.36
CA GLY A 27 8.02 -0.18 5.42
C GLY A 27 8.19 1.30 5.23
N THR A 28 7.18 1.98 4.73
CA THR A 28 7.24 3.43 4.56
C THR A 28 6.12 4.07 5.39
N ASP A 29 5.81 5.33 5.13
CA ASP A 29 4.70 6.00 5.82
C ASP A 29 4.07 6.95 4.82
N GLN A 30 3.32 7.94 5.32
CA GLN A 30 2.62 8.85 4.41
C GLN A 30 3.59 9.68 3.56
N SER A 31 4.87 9.76 3.95
CA SER A 31 5.83 10.55 3.19
C SER A 31 6.11 9.95 1.82
N VAL A 32 5.71 8.70 1.60
CA VAL A 32 5.85 8.08 0.28
C VAL A 32 5.03 8.84 -0.76
N TRP A 33 4.09 9.69 -0.32
CA TRP A 33 3.25 10.43 -1.25
C TRP A 33 3.75 11.84 -1.55
N LYS A 34 4.98 12.19 -1.13
CA LYS A 34 5.42 13.58 -1.21
C LYS A 34 5.42 14.12 -2.63
N HIS A 35 5.64 13.26 -3.64
CA HIS A 35 5.67 13.78 -5.00
C HIS A 35 4.29 13.85 -5.64
N LEU A 36 3.32 13.09 -5.13
CA LEU A 36 1.96 13.13 -5.67
C LEU A 36 1.13 14.27 -5.09
N VAL A 37 1.24 14.51 -3.77
CA VAL A 37 0.31 15.41 -3.09
C VAL A 37 0.31 16.82 -3.66
N PRO A 38 1.44 17.39 -4.09
CA PRO A 38 1.37 18.77 -4.62
C PRO A 38 0.43 18.90 -5.82
N HIS A 39 0.26 17.83 -6.61
CA HIS A 39 -0.63 17.84 -7.77
C HIS A 39 -2.09 17.63 -7.40
N LEU A 40 -2.40 17.31 -6.14
CA LEU A 40 -3.76 17.01 -5.76
C LEU A 40 -4.45 18.09 -4.95
N VAL A 41 -3.66 18.92 -4.24
CA VAL A 41 -4.25 19.79 -3.23
C VAL A 41 -5.12 20.88 -3.82
N ASP A 42 -4.99 21.19 -5.11
CA ASP A 42 -5.76 22.28 -5.68
C ASP A 42 -7.16 21.85 -6.11
N ASP A 43 -7.41 20.56 -6.24
CA ASP A 43 -8.69 20.04 -6.66
C ASP A 43 -9.35 19.12 -5.65
N TYR A 44 -8.62 18.63 -4.66
CA TYR A 44 -9.17 17.69 -3.71
C TYR A 44 -8.79 18.08 -2.30
N ARG A 45 -9.66 17.73 -1.35
CA ARG A 45 -9.25 17.62 0.05
C ARG A 45 -8.43 16.34 0.23
N VAL A 46 -7.21 16.48 0.72
CA VAL A 46 -6.26 15.38 0.71
C VAL A 46 -6.06 14.90 2.14
N VAL A 47 -6.33 13.61 2.35
CA VAL A 47 -6.21 12.95 3.64
C VAL A 47 -5.01 12.02 3.58
N LEU A 48 -4.09 12.19 4.51
CA LEU A 48 -2.95 11.31 4.69
C LEU A 48 -3.02 10.67 6.06
N TYR A 49 -2.59 9.41 6.15
CA TYR A 49 -2.50 8.72 7.41
C TYR A 49 -1.44 7.64 7.31
N ASP A 50 -0.88 7.28 8.45
CA ASP A 50 0.06 6.18 8.58
C ASP A 50 -0.65 4.92 9.10
N ASN A 51 -0.24 3.75 8.61
CA ASN A 51 -0.73 2.50 9.18
C ASN A 51 -0.13 2.25 10.55
N MET A 52 -0.90 1.66 11.46
CA MET A 52 -0.34 1.42 12.76
C MET A 52 0.83 0.47 12.64
N GLY A 53 1.87 0.70 13.43
CA GLY A 53 3.08 -0.07 13.30
C GLY A 53 4.13 0.54 12.41
N ALA A 54 3.79 1.55 11.61
CA ALA A 54 4.84 2.30 10.94
C ALA A 54 5.78 2.90 11.97
N GLY A 55 7.01 3.20 11.53
CA GLY A 55 8.01 3.78 12.42
C GLY A 55 7.62 5.14 12.97
N THR A 56 6.73 5.84 12.30
CA THR A 56 6.18 7.09 12.80
C THR A 56 5.09 6.92 13.86
N THR A 57 4.72 5.70 14.23
CA THR A 57 3.61 5.48 15.14
C THR A 57 4.08 4.89 16.46
N ASN A 58 3.24 5.08 17.46
CA ASN A 58 3.59 4.70 18.83
C ASN A 58 3.51 3.18 18.98
N PRO A 59 4.61 2.51 19.31
CA PRO A 59 4.57 1.04 19.43
C PRO A 59 3.62 0.53 20.49
N ASP A 60 3.34 1.31 21.55
CA ASP A 60 2.36 0.83 22.53
C ASP A 60 0.99 0.63 21.89
N TYR A 61 0.69 1.35 20.81
CA TYR A 61 -0.59 1.20 20.15
C TYR A 61 -0.64 0.01 19.21
N PHE A 62 0.44 -0.72 19.05
CA PHE A 62 0.44 -1.81 18.09
C PHE A 62 -0.10 -3.05 18.77
N ASP A 63 -1.36 -3.35 18.51
CA ASP A 63 -2.08 -4.47 19.10
C ASP A 63 -1.87 -5.69 18.23
N PHE A 64 -1.04 -6.62 18.69
CA PHE A 64 -0.68 -7.77 17.86
C PHE A 64 -1.88 -8.63 17.51
N ASP A 65 -2.94 -8.62 18.31
CA ASP A 65 -4.11 -9.38 17.91
C ASP A 65 -4.94 -8.64 16.87
N ARG A 66 -5.08 -7.33 17.05
CA ARG A 66 -5.87 -6.54 16.11
C ARG A 66 -5.28 -6.61 14.70
N TYR A 67 -3.95 -6.58 14.60
CA TYR A 67 -3.29 -6.54 13.30
C TYR A 67 -2.81 -7.92 12.86
N SER A 68 -3.40 -8.98 13.42
CA SER A 68 -3.06 -10.33 13.00
C SER A 68 -3.63 -10.69 11.63
N ASN A 69 -4.58 -9.91 11.12
CA ASN A 69 -5.01 -9.99 9.72
C ASN A 69 -5.27 -8.60 9.16
N LEU A 70 -5.53 -8.56 7.85
CA LEU A 70 -5.72 -7.29 7.16
C LEU A 70 -6.97 -6.55 7.63
N GLU A 71 -7.95 -7.27 8.18
CA GLU A 71 -9.19 -6.62 8.57
C GLU A 71 -8.94 -5.62 9.69
N GLY A 72 -7.94 -5.88 10.53
CA GLY A 72 -7.61 -4.92 11.56
C GLY A 72 -7.25 -3.57 10.96
N TYR A 73 -6.50 -3.57 9.85
CA TYR A 73 -6.14 -2.31 9.21
C TYR A 73 -7.34 -1.68 8.50
N SER A 74 -8.26 -2.49 7.97
CA SER A 74 -9.40 -1.89 7.29
C SER A 74 -10.34 -1.24 8.30
N PHE A 75 -10.45 -1.81 9.49
CA PHE A 75 -11.27 -1.17 10.52
C PHE A 75 -10.68 0.18 10.92
N ASP A 76 -9.35 0.27 11.01
CA ASP A 76 -8.72 1.57 11.23
C ASP A 76 -9.12 2.56 10.15
N LEU A 77 -8.98 2.16 8.88
CA LEU A 77 -9.28 3.07 7.78
C LEU A 77 -10.73 3.56 7.86
N ILE A 78 -11.67 2.66 8.13
CA ILE A 78 -13.07 3.06 8.22
C ILE A 78 -13.28 4.02 9.38
N ALA A 79 -12.65 3.75 10.53
CA ALA A 79 -12.78 4.64 11.69
C ALA A 79 -12.29 6.05 11.35
N ILE A 80 -11.16 6.15 10.65
CA ILE A 80 -10.66 7.47 10.26
C ILE A 80 -11.66 8.15 9.33
N LEU A 81 -12.20 7.41 8.37
CA LEU A 81 -13.16 8.00 7.45
C LEU A 81 -14.38 8.51 8.21
N GLU A 82 -14.93 7.69 9.11
CA GLU A 82 -16.07 8.13 9.89
C GLU A 82 -15.70 9.31 10.79
N ASP A 83 -14.56 9.25 11.47
CA ASP A 83 -14.17 10.36 12.34
C ASP A 83 -14.08 11.67 11.56
N LEU A 84 -13.64 11.60 10.30
CA LEU A 84 -13.48 12.80 9.50
C LEU A 84 -14.76 13.18 8.77
N LYS A 85 -15.87 12.50 9.05
CA LYS A 85 -17.14 12.79 8.40
C LYS A 85 -17.04 12.69 6.89
N ILE A 86 -16.21 11.78 6.38
CA ILE A 86 -16.04 11.63 4.94
C ILE A 86 -17.12 10.68 4.43
N GLU A 87 -17.97 11.18 3.54
CA GLU A 87 -19.08 10.40 3.01
C GLU A 87 -18.68 9.55 1.81
N SER A 88 -17.67 10.00 1.05
CA SER A 88 -17.22 9.31 -0.15
C SER A 88 -15.83 9.81 -0.49
N CYS A 89 -14.95 8.91 -0.91
CA CYS A 89 -13.59 9.30 -1.23
C CYS A 89 -13.05 8.46 -2.38
N ILE A 90 -12.08 9.05 -3.08
CA ILE A 90 -11.15 8.30 -3.92
C ILE A 90 -10.04 7.79 -3.00
N PHE A 91 -9.82 6.49 -2.99
CA PHE A 91 -8.81 5.91 -2.12
C PHE A 91 -7.64 5.47 -2.98
N VAL A 92 -6.44 5.99 -2.71
CA VAL A 92 -5.23 5.57 -3.41
C VAL A 92 -4.47 4.69 -2.45
N GLY A 93 -4.33 3.41 -2.79
CA GLY A 93 -3.72 2.44 -1.91
C GLY A 93 -2.43 1.86 -2.43
N HIS A 94 -1.35 2.02 -1.68
CA HIS A 94 -0.05 1.53 -2.09
C HIS A 94 0.24 0.19 -1.44
N SER A 95 0.61 -0.80 -2.25
CA SER A 95 1.05 -2.10 -1.77
C SER A 95 -0.04 -2.63 -0.83
N VAL A 96 0.28 -3.04 0.41
CA VAL A 96 -0.75 -3.69 1.22
C VAL A 96 -1.98 -2.82 1.34
N SER A 97 -1.81 -1.51 1.26
CA SER A 97 -2.93 -0.61 1.44
C SER A 97 -3.96 -0.77 0.33
N ALA A 98 -3.53 -1.16 -0.89
CA ALA A 98 -4.50 -1.53 -1.91
C ALA A 98 -5.49 -2.57 -1.38
N MET A 99 -5.00 -3.62 -0.73
CA MET A 99 -5.96 -4.63 -0.28
C MET A 99 -6.67 -4.22 1.02
N ILE A 100 -6.05 -3.36 1.83
CA ILE A 100 -6.79 -2.82 2.96
C ILE A 100 -7.99 -2.02 2.47
N GLY A 101 -7.80 -1.24 1.40
CA GLY A 101 -8.92 -0.50 0.84
C GLY A 101 -10.00 -1.40 0.27
N VAL A 102 -9.60 -2.46 -0.44
CA VAL A 102 -10.56 -3.41 -0.97
C VAL A 102 -11.39 -4.00 0.17
N LEU A 103 -10.73 -4.45 1.23
CA LEU A 103 -11.42 -4.96 2.43
C LEU A 103 -12.38 -3.94 2.99
N ALA A 104 -11.95 -2.69 3.18
CA ALA A 104 -12.84 -1.69 3.73
C ALA A 104 -14.05 -1.50 2.82
N SER A 105 -13.84 -1.53 1.50
CA SER A 105 -14.94 -1.32 0.55
C SER A 105 -15.91 -2.50 0.51
N LEU A 106 -15.51 -3.66 1.03
CA LEU A 106 -16.46 -4.76 1.12
C LEU A 106 -17.45 -4.50 2.25
N ASN A 107 -16.98 -3.88 3.32
CA ASN A 107 -17.86 -3.55 4.44
C ASN A 107 -18.61 -2.25 4.21
N ARG A 108 -17.98 -1.27 3.52
CA ARG A 108 -18.59 0.04 3.32
C ARG A 108 -18.32 0.51 1.90
N PRO A 109 -18.93 -0.13 0.91
CA PRO A 109 -18.73 0.32 -0.47
C PRO A 109 -19.22 1.74 -0.70
N ASP A 110 -20.17 2.22 0.12
CA ASP A 110 -20.65 3.59 -0.03
C ASP A 110 -19.55 4.61 0.19
N LEU A 111 -18.50 4.25 0.92
CA LEU A 111 -17.46 5.20 1.31
C LEU A 111 -16.43 5.42 0.22
N PHE A 112 -16.41 4.58 -0.82
CA PHE A 112 -15.38 4.60 -1.85
C PHE A 112 -16.05 4.75 -3.21
N SER A 113 -15.66 5.80 -3.96
CA SER A 113 -16.12 5.96 -5.32
C SER A 113 -15.22 5.26 -6.31
N LYS A 114 -13.98 4.99 -5.93
CA LYS A 114 -13.04 4.28 -6.79
C LYS A 114 -11.78 3.98 -5.99
N ILE A 115 -11.06 2.93 -6.39
CA ILE A 115 -9.80 2.58 -5.75
C ILE A 115 -8.69 2.60 -6.80
N VAL A 116 -7.67 3.42 -6.56
CA VAL A 116 -6.47 3.41 -7.37
C VAL A 116 -5.41 2.62 -6.60
N MET A 117 -4.99 1.48 -7.16
CA MET A 117 -3.96 0.70 -6.51
C MET A 117 -2.60 0.93 -7.15
N ILE A 118 -1.55 0.84 -6.34
CA ILE A 118 -0.17 0.95 -6.84
C ILE A 118 0.63 -0.17 -6.22
N SER A 119 1.23 -1.02 -7.06
CA SER A 119 2.06 -2.13 -6.55
C SER A 119 1.24 -3.10 -5.68
N ALA A 120 -0.02 -3.33 -6.04
CA ALA A 120 -0.93 -4.19 -5.29
C ALA A 120 -0.71 -5.68 -5.57
N SER A 121 -1.11 -6.53 -4.60
CA SER A 121 -1.14 -7.96 -4.89
C SER A 121 -2.07 -8.64 -3.90
N PRO A 122 -2.91 -9.58 -4.33
CA PRO A 122 -3.78 -10.30 -3.39
C PRO A 122 -3.12 -11.52 -2.77
N ARG A 123 -1.93 -11.88 -3.23
CA ARG A 123 -1.31 -13.13 -2.84
C ARG A 123 0.11 -13.16 -3.36
N TYR A 124 1.09 -13.27 -2.46
CA TYR A 124 2.48 -13.27 -2.87
C TYR A 124 3.03 -14.66 -3.12
N VAL A 125 2.41 -15.70 -2.53
CA VAL A 125 2.94 -17.05 -2.50
C VAL A 125 2.48 -17.83 -3.73
N ASN A 126 3.42 -18.48 -4.41
CA ASN A 126 3.08 -19.26 -5.59
C ASN A 126 2.35 -20.54 -5.19
N ASP A 127 1.39 -20.94 -6.02
CA ASP A 127 0.91 -22.32 -6.01
C ASP A 127 0.85 -22.81 -7.46
N VAL A 128 0.35 -24.04 -7.64
CA VAL A 128 0.54 -24.70 -8.92
C VAL A 128 -0.18 -23.98 -10.04
N ASP A 129 -1.16 -23.11 -9.73
CA ASP A 129 -1.89 -22.39 -10.77
C ASP A 129 -1.87 -20.88 -10.55
N TYR A 130 -0.94 -20.35 -9.75
CA TYR A 130 -0.94 -18.92 -9.46
C TYR A 130 0.47 -18.47 -9.17
N GLN A 131 0.94 -17.48 -9.94
N GLN A 131 0.96 -17.52 -9.96
CA GLN A 131 2.28 -16.92 -9.80
CA GLN A 131 2.29 -16.95 -9.77
C GLN A 131 2.18 -15.65 -8.96
C GLN A 131 2.16 -15.67 -8.95
N GLY A 132 2.68 -15.71 -7.73
CA GLY A 132 2.64 -14.54 -6.85
C GLY A 132 3.98 -13.84 -6.73
N GLY A 133 5.06 -14.58 -6.95
CA GLY A 133 6.40 -14.03 -6.90
C GLY A 133 7.32 -14.69 -5.89
N PHE A 134 6.77 -15.37 -4.88
CA PHE A 134 7.59 -15.94 -3.83
C PHE A 134 7.16 -17.38 -3.59
N GLU A 135 8.16 -18.25 -3.46
CA GLU A 135 7.95 -19.59 -2.94
C GLU A 135 8.00 -19.54 -1.42
N GLN A 136 7.26 -20.46 -0.77
CA GLN A 136 7.23 -20.44 0.68
C GLN A 136 8.63 -20.44 1.29
N GLU A 137 9.58 -21.11 0.64
CA GLU A 137 10.96 -21.08 1.09
C GLU A 137 11.57 -19.69 1.00
N ASP A 138 11.18 -18.90 -0.01
CA ASP A 138 11.59 -17.49 -0.05
C ASP A 138 11.19 -16.79 1.24
N LEU A 139 9.94 -16.96 1.66
CA LEU A 139 9.47 -16.26 2.85
C LEU A 139 10.30 -16.66 4.06
N ASN A 140 10.50 -17.97 4.24
CA ASN A 140 11.23 -18.48 5.39
C ASN A 140 12.59 -17.81 5.53
N GLN A 141 13.34 -17.72 4.42
CA GLN A 141 14.62 -17.04 4.45
C GLN A 141 14.47 -15.56 4.76
N LEU A 142 13.30 -14.97 4.47
CA LEU A 142 13.06 -13.58 4.82
C LEU A 142 12.86 -13.44 6.32
N PHE A 143 11.86 -14.13 6.87
CA PHE A 143 11.65 -14.06 8.31
C PHE A 143 12.90 -14.51 9.06
N GLU A 144 13.67 -15.44 8.50
CA GLU A 144 14.90 -15.86 9.16
C GLU A 144 15.92 -14.74 9.17
N ALA A 145 16.03 -13.99 8.06
CA ALA A 145 16.96 -12.87 8.02
C ALA A 145 16.49 -11.73 8.92
N ILE A 146 15.23 -11.34 8.80
CA ILE A 146 14.71 -10.26 9.65
C ILE A 146 14.94 -10.60 11.12
N ARG A 147 14.59 -11.83 11.51
CA ARG A 147 14.71 -12.26 12.90
C ARG A 147 16.17 -12.32 13.32
N SER A 148 17.03 -12.91 12.50
CA SER A 148 18.47 -12.93 12.74
C SER A 148 18.99 -11.52 13.06
N ASN A 149 19.03 -10.64 12.05
CA ASN A 149 19.63 -9.32 12.20
C ASN A 149 18.79 -8.31 11.42
N TYR A 150 17.87 -7.63 12.10
CA TYR A 150 16.96 -6.71 11.41
C TYR A 150 17.73 -5.64 10.66
N LYS A 151 18.52 -4.83 11.38
CA LYS A 151 19.23 -3.70 10.77
C LYS A 151 19.92 -4.10 9.47
N ALA A 152 20.70 -5.20 9.50
CA ALA A 152 21.33 -5.68 8.29
C ALA A 152 20.29 -6.02 7.24
N TRP A 153 19.16 -6.60 7.66
CA TRP A 153 18.14 -6.92 6.67
C TRP A 153 17.58 -5.66 6.03
N CYS A 154 17.39 -4.61 6.82
CA CYS A 154 16.90 -3.35 6.27
C CYS A 154 17.84 -2.82 5.20
N LEU A 155 19.14 -2.70 5.52
CA LEU A 155 20.11 -2.20 4.55
C LEU A 155 20.07 -3.01 3.26
N GLY A 156 19.94 -4.33 3.36
CA GLY A 156 19.94 -5.15 2.15
C GLY A 156 18.64 -5.09 1.37
N PHE A 157 17.53 -5.06 2.09
CA PHE A 157 16.22 -5.13 1.43
C PHE A 157 15.87 -3.81 0.74
N ALA A 158 16.31 -2.68 1.28
CA ALA A 158 15.81 -1.39 0.80
C ALA A 158 16.14 -1.14 -0.66
N PRO A 159 17.37 -1.35 -1.14
CA PRO A 159 17.64 -1.08 -2.55
C PRO A 159 16.96 -2.05 -3.50
N LEU A 160 16.67 -3.27 -3.04
CA LEU A 160 16.02 -4.24 -3.91
C LEU A 160 14.54 -3.90 -4.07
N ALA A 161 13.92 -3.39 -2.99
CA ALA A 161 12.53 -3.02 -3.04
C ALA A 161 12.33 -1.74 -3.85
N VAL A 162 13.15 -0.72 -3.55
CA VAL A 162 13.02 0.53 -4.27
C VAL A 162 13.44 0.35 -5.72
N GLY A 163 14.41 -0.52 -5.98
CA GLY A 163 14.90 -0.74 -7.32
C GLY A 163 15.69 0.47 -7.81
N GLY A 164 15.86 0.54 -9.12
CA GLY A 164 16.62 1.64 -9.68
C GLY A 164 18.04 1.68 -9.14
N ASP A 165 18.64 2.88 -9.21
CA ASP A 165 19.99 3.09 -8.72
C ASP A 165 20.06 2.85 -7.21
N MET A 166 21.09 2.12 -6.79
N MET A 166 21.07 2.11 -6.77
CA MET A 166 21.27 1.78 -5.37
CA MET A 166 21.17 1.80 -5.34
C MET A 166 21.69 2.98 -4.53
C MET A 166 21.79 2.93 -4.53
N ASP A 167 22.18 4.04 -5.16
CA ASP A 167 22.64 5.23 -4.46
C ASP A 167 21.57 6.31 -4.38
N SER A 168 20.32 5.96 -4.66
CA SER A 168 19.30 6.98 -4.86
C SER A 168 18.83 7.56 -3.54
N ILE A 169 18.19 8.72 -3.62
CA ILE A 169 17.58 9.32 -2.45
C ILE A 169 16.47 8.42 -1.90
N ALA A 170 15.74 7.73 -2.78
CA ALA A 170 14.64 6.89 -2.33
C ALA A 170 15.15 5.66 -1.57
N VAL A 171 16.24 5.06 -2.03
CA VAL A 171 16.79 3.94 -1.25
C VAL A 171 17.18 4.42 0.14
N GLN A 172 17.84 5.57 0.21
CA GLN A 172 18.13 6.23 1.49
C GLN A 172 16.91 6.36 2.36
N GLU A 173 15.87 7.04 1.85
CA GLU A 173 14.67 7.27 2.65
C GLU A 173 14.06 5.95 3.12
N PHE A 174 13.91 4.99 2.22
CA PHE A 174 13.16 3.77 2.56
C PHE A 174 13.90 2.97 3.61
N SER A 175 15.22 2.80 3.45
CA SER A 175 15.97 2.03 4.44
C SER A 175 15.84 2.65 5.82
N ARG A 176 15.69 3.97 5.89
N ARG A 176 15.70 3.98 5.90
CA ARG A 176 15.48 4.67 7.15
CA ARG A 176 15.48 4.62 7.19
C ARG A 176 14.13 4.33 7.75
C ARG A 176 14.11 4.27 7.75
N THR A 177 13.04 4.58 7.01
CA THR A 177 11.70 4.29 7.52
C THR A 177 11.54 2.81 7.83
N LEU A 178 12.17 1.94 7.03
CA LEU A 178 12.18 0.52 7.34
C LEU A 178 12.80 0.28 8.70
N PHE A 179 13.93 0.93 8.98
CA PHE A 179 14.67 0.69 10.20
C PHE A 179 14.04 1.38 11.41
N ASN A 180 13.26 2.44 11.21
CA ASN A 180 12.60 2.98 12.39
C ASN A 180 11.45 2.10 12.88
N MET A 181 11.12 1.02 12.19
N MET A 181 11.13 1.02 12.19
CA MET A 181 10.10 0.08 12.66
CA MET A 181 10.10 0.08 12.66
C MET A 181 10.68 -0.80 13.76
C MET A 181 10.67 -0.79 13.77
N ARG A 182 9.88 -1.06 14.80
CA ARG A 182 10.35 -1.93 15.87
C ARG A 182 10.47 -3.35 15.34
N PRO A 183 11.59 -4.02 15.56
CA PRO A 183 11.83 -5.28 14.85
C PRO A 183 10.77 -6.35 15.06
N ASP A 184 10.20 -6.45 16.26
CA ASP A 184 9.13 -7.42 16.47
C ASP A 184 7.88 -7.04 15.69
N ILE A 185 7.58 -5.74 15.61
CA ILE A 185 6.43 -5.29 14.84
C ILE A 185 6.65 -5.53 13.35
N ALA A 186 7.80 -5.12 12.82
CA ALA A 186 8.15 -5.43 11.44
C ALA A 186 7.91 -6.90 11.13
N LEU A 187 8.38 -7.78 12.02
CA LEU A 187 8.21 -9.22 11.82
C LEU A 187 6.73 -9.60 11.79
N SER A 188 5.97 -9.10 12.76
CA SER A 188 4.57 -9.48 12.87
C SER A 188 3.78 -9.02 11.64
N VAL A 189 4.04 -7.80 11.18
CA VAL A 189 3.32 -7.28 10.02
C VAL A 189 3.76 -8.01 8.76
N GLY A 190 5.07 -8.29 8.65
CA GLY A 190 5.53 -9.13 7.54
C GLY A 190 4.74 -10.42 7.41
N GLN A 191 4.58 -11.17 8.52
CA GLN A 191 3.83 -12.42 8.45
C GLN A 191 2.40 -12.17 7.98
N THR A 192 1.72 -11.21 8.59
CA THR A 192 0.33 -10.95 8.24
C THR A 192 0.20 -10.67 6.74
N ILE A 193 1.08 -9.83 6.20
CA ILE A 193 0.98 -9.47 4.79
C ILE A 193 1.30 -10.68 3.90
N PHE A 194 2.38 -11.38 4.21
CA PHE A 194 2.85 -12.41 3.29
C PHE A 194 2.00 -13.66 3.38
N GLN A 195 1.30 -13.87 4.49
N GLN A 195 1.30 -13.87 4.49
CA GLN A 195 0.37 -14.98 4.63
CA GLN A 195 0.37 -14.97 4.63
C GLN A 195 -1.04 -14.60 4.22
C GLN A 195 -1.04 -14.59 4.23
N SER A 196 -1.27 -13.37 3.76
CA SER A 196 -2.59 -12.95 3.35
C SER A 196 -3.02 -13.66 2.05
N ASP A 197 -4.33 -13.77 1.86
CA ASP A 197 -4.91 -14.31 0.63
C ASP A 197 -6.22 -13.57 0.40
N MET A 198 -6.17 -12.59 -0.50
CA MET A 198 -7.32 -11.78 -0.89
C MET A 198 -7.96 -12.30 -2.18
N ARG A 199 -7.41 -13.35 -2.79
CA ARG A 199 -7.90 -13.76 -4.10
C ARG A 199 -9.39 -14.13 -4.05
N GLN A 200 -9.80 -14.84 -3.02
CA GLN A 200 -11.16 -15.38 -3.04
C GLN A 200 -12.24 -14.31 -2.85
N ILE A 201 -11.93 -13.15 -2.21
CA ILE A 201 -12.97 -12.12 -2.10
C ILE A 201 -13.03 -11.15 -3.27
N LEU A 202 -12.02 -11.11 -4.13
CA LEU A 202 -12.06 -10.14 -5.22
C LEU A 202 -13.39 -10.14 -5.96
N PRO A 203 -14.01 -11.27 -6.27
CA PRO A 203 -15.27 -11.24 -7.02
C PRO A 203 -16.37 -10.43 -6.34
N PHE A 204 -16.27 -10.16 -5.04
CA PHE A 204 -17.32 -9.45 -4.33
C PHE A 204 -17.10 -7.94 -4.29
N VAL A 205 -15.97 -7.46 -4.83
CA VAL A 205 -15.71 -6.03 -4.89
C VAL A 205 -16.74 -5.37 -5.80
N THR A 206 -17.24 -4.21 -5.38
CA THR A 206 -18.24 -3.48 -6.13
C THR A 206 -17.80 -2.03 -6.41
N VAL A 207 -16.54 -1.69 -6.20
CA VAL A 207 -16.02 -0.36 -6.50
C VAL A 207 -15.06 -0.46 -7.68
N PRO A 208 -15.11 0.47 -8.64
CA PRO A 208 -14.16 0.40 -9.77
C PRO A 208 -12.73 0.56 -9.29
N CYS A 209 -11.84 -0.25 -9.85
CA CYS A 209 -10.45 -0.32 -9.42
C CYS A 209 -9.52 -0.02 -10.59
N HIS A 210 -8.56 0.87 -10.37
CA HIS A 210 -7.46 1.09 -11.29
C HIS A 210 -6.20 0.41 -10.76
N ILE A 211 -5.59 -0.44 -11.57
CA ILE A 211 -4.54 -1.36 -11.14
C ILE A 211 -3.25 -0.87 -11.77
N LEU A 212 -2.39 -0.18 -11.00
CA LEU A 212 -1.12 0.36 -11.50
C LEU A 212 0.06 -0.35 -10.85
N GLN A 213 1.11 -0.61 -11.63
CA GLN A 213 2.31 -1.21 -11.08
C GLN A 213 3.51 -0.92 -11.98
N SER A 214 4.69 -0.90 -11.37
CA SER A 214 5.93 -0.91 -12.13
C SER A 214 6.01 -2.18 -12.98
N VAL A 215 6.55 -2.05 -14.20
CA VAL A 215 6.75 -3.25 -15.01
C VAL A 215 7.78 -4.15 -14.35
N LYS A 216 8.70 -3.57 -13.60
CA LYS A 216 9.70 -4.34 -12.85
C LYS A 216 9.51 -4.05 -11.37
N ASP A 217 9.02 -5.04 -10.63
CA ASP A 217 8.69 -4.90 -9.21
C ASP A 217 9.03 -6.21 -8.54
N LEU A 218 10.06 -6.20 -7.68
CA LEU A 218 10.50 -7.43 -7.04
C LEU A 218 9.36 -8.19 -6.34
N ALA A 219 8.27 -7.51 -5.96
CA ALA A 219 7.25 -8.16 -5.14
C ALA A 219 5.94 -8.41 -5.87
N VAL A 220 5.82 -7.95 -7.11
CA VAL A 220 4.58 -8.02 -7.86
C VAL A 220 4.90 -8.34 -9.31
N PRO A 221 4.86 -9.62 -9.70
CA PRO A 221 5.00 -9.96 -11.13
C PRO A 221 3.84 -9.37 -11.91
N VAL A 222 4.10 -9.01 -13.18
CA VAL A 222 3.07 -8.35 -13.98
C VAL A 222 1.80 -9.19 -14.10
N VAL A 223 1.91 -10.52 -14.07
CA VAL A 223 0.70 -11.35 -14.18
C VAL A 223 -0.24 -11.10 -13.01
N VAL A 224 0.29 -10.72 -11.85
CA VAL A 224 -0.59 -10.37 -10.73
C VAL A 224 -1.57 -9.28 -11.14
N SER A 225 -1.09 -8.24 -11.82
N SER A 225 -1.08 -8.25 -11.82
CA SER A 225 -1.98 -7.18 -12.25
CA SER A 225 -1.96 -7.16 -12.22
C SER A 225 -3.10 -7.73 -13.12
C SER A 225 -3.09 -7.66 -13.12
N GLU A 226 -2.78 -8.65 -14.03
N GLU A 226 -2.79 -8.62 -13.99
CA GLU A 226 -3.82 -9.25 -14.88
CA GLU A 226 -3.83 -9.20 -14.84
C GLU A 226 -4.75 -10.14 -14.07
C GLU A 226 -4.77 -10.09 -14.03
N TYR A 227 -4.22 -10.88 -13.10
CA TYR A 227 -5.09 -11.66 -12.21
C TYR A 227 -6.11 -10.76 -11.52
N LEU A 228 -5.64 -9.67 -10.91
CA LEU A 228 -6.56 -8.73 -10.27
C LEU A 228 -7.63 -8.27 -11.24
N HIS A 229 -7.21 -7.87 -12.45
CA HIS A 229 -8.14 -7.37 -13.46
C HIS A 229 -9.19 -8.41 -13.83
N ALA A 230 -8.80 -9.68 -13.87
CA ALA A 230 -9.71 -10.73 -14.33
C ALA A 230 -10.67 -11.21 -13.26
N ASN A 231 -10.34 -11.05 -11.99
CA ASN A 231 -11.15 -11.62 -10.93
C ASN A 231 -11.88 -10.60 -10.07
N LEU A 232 -11.51 -9.32 -10.13
CA LEU A 232 -12.26 -8.30 -9.41
C LEU A 232 -13.69 -8.22 -9.96
N GLY A 233 -14.65 -7.98 -9.07
CA GLY A 233 -16.05 -8.06 -9.46
C GLY A 233 -16.67 -6.80 -10.01
N CYS A 234 -15.97 -5.68 -9.97
CA CYS A 234 -16.46 -4.45 -10.56
C CYS A 234 -15.60 -4.11 -11.77
N GLU A 235 -15.91 -2.99 -12.41
CA GLU A 235 -15.08 -2.53 -13.51
C GLU A 235 -13.66 -2.28 -13.00
N SER A 236 -12.67 -2.59 -13.83
CA SER A 236 -11.29 -2.32 -13.49
C SER A 236 -10.49 -2.12 -14.76
N VAL A 237 -9.38 -1.39 -14.63
CA VAL A 237 -8.41 -1.17 -15.69
C VAL A 237 -7.01 -1.41 -15.16
N VAL A 238 -6.13 -1.90 -16.03
CA VAL A 238 -4.71 -2.09 -15.71
C VAL A 238 -3.88 -1.09 -16.48
N GLU A 239 -2.83 -0.56 -15.85
CA GLU A 239 -1.82 0.18 -16.61
C GLU A 239 -0.47 -0.13 -15.99
N VAL A 240 0.34 -0.89 -16.72
CA VAL A 240 1.68 -1.27 -16.28
C VAL A 240 2.64 -0.17 -16.71
N ILE A 241 3.41 0.37 -15.76
CA ILE A 241 4.18 1.59 -15.99
C ILE A 241 5.62 1.26 -16.38
N PRO A 242 6.25 2.02 -17.34
CA PRO A 242 7.65 1.76 -17.65
C PRO A 242 8.59 2.25 -16.57
N SER A 243 8.53 1.62 -15.40
CA SER A 243 9.31 2.05 -14.25
C SER A 243 9.80 0.82 -13.48
N ASP A 244 10.81 1.07 -12.66
CA ASP A 244 11.43 0.05 -11.83
C ASP A 244 11.11 0.38 -10.38
N GLY A 245 10.63 -0.61 -9.63
CA GLY A 245 10.53 -0.43 -8.18
C GLY A 245 9.15 -0.58 -7.57
N HIS A 246 9.14 -0.94 -6.28
CA HIS A 246 7.90 -1.19 -5.55
C HIS A 246 7.25 0.08 -5.03
N LEU A 247 8.00 1.18 -4.96
CA LEU A 247 7.50 2.47 -4.46
C LEU A 247 7.77 3.52 -5.54
N PRO A 248 7.28 3.28 -6.76
CA PRO A 248 7.67 4.14 -7.89
C PRO A 248 7.21 5.58 -7.74
N GLN A 249 6.11 5.82 -7.02
CA GLN A 249 5.65 7.20 -6.81
C GLN A 249 6.65 8.01 -6.01
N LEU A 250 7.55 7.34 -5.30
CA LEU A 250 8.61 7.99 -4.57
C LEU A 250 9.90 8.04 -5.38
N SER A 251 10.25 6.93 -6.03
CA SER A 251 11.56 6.78 -6.62
C SER A 251 11.64 7.26 -8.06
N SER A 252 10.55 7.17 -8.83
CA SER A 252 10.55 7.61 -10.24
C SER A 252 9.35 8.49 -10.51
N PRO A 253 9.18 9.58 -9.74
CA PRO A 253 7.95 10.38 -9.89
C PRO A 253 7.78 10.97 -11.28
N ASP A 254 8.88 11.30 -11.97
CA ASP A 254 8.77 11.91 -13.30
C ASP A 254 7.95 11.04 -14.26
N SER A 255 8.24 9.74 -14.30
CA SER A 255 7.45 8.85 -15.16
C SER A 255 6.19 8.29 -14.50
N VAL A 256 6.10 8.27 -13.17
CA VAL A 256 5.03 7.56 -12.49
C VAL A 256 3.88 8.48 -12.10
N ILE A 257 4.16 9.70 -11.62
CA ILE A 257 3.10 10.55 -11.13
C ILE A 257 2.06 10.88 -12.19
N PRO A 258 2.43 11.26 -13.42
CA PRO A 258 1.42 11.51 -14.46
C PRO A 258 0.46 10.35 -14.67
N VAL A 259 0.95 9.11 -14.60
CA VAL A 259 0.05 7.97 -14.77
C VAL A 259 -0.93 7.90 -13.59
N ILE A 260 -0.41 7.98 -12.36
CA ILE A 260 -1.31 7.95 -11.20
C ILE A 260 -2.35 9.06 -11.33
N LEU A 261 -1.93 10.27 -11.72
CA LEU A 261 -2.86 11.39 -11.79
C LEU A 261 -3.95 11.13 -12.83
N ARG A 262 -3.59 10.56 -13.99
N ARG A 262 -3.60 10.54 -13.98
CA ARG A 262 -4.60 10.21 -14.99
CA ARG A 262 -4.62 10.24 -14.98
C ARG A 262 -5.67 9.29 -14.39
C ARG A 262 -5.65 9.25 -14.45
N HIS A 263 -5.24 8.31 -13.61
CA HIS A 263 -6.19 7.35 -13.08
C HIS A 263 -7.01 7.94 -11.94
N ILE A 264 -6.42 8.80 -11.12
CA ILE A 264 -7.21 9.54 -10.13
C ILE A 264 -8.25 10.41 -10.81
N ARG A 265 -7.81 11.17 -11.83
CA ARG A 265 -8.64 12.26 -12.35
C ARG A 265 -9.72 11.79 -13.32
N ASN A 266 -9.57 10.60 -13.92
CA ASN A 266 -10.48 10.15 -14.96
C ASN A 266 -11.05 8.80 -14.61
N ASP A 267 -12.30 8.60 -15.01
CA ASP A 267 -13.05 7.41 -14.68
C ASP A 267 -12.93 6.40 -15.81
N ILE A 268 -13.37 5.18 -15.54
CA ILE A 268 -13.37 4.15 -16.57
C ILE A 268 -14.59 4.35 -17.47
C1 GOL B . -7.00 -12.01 4.33
O1 GOL B . -5.99 -12.98 4.21
C2 GOL B . -6.94 -11.49 5.79
O2 GOL B . -5.65 -11.02 6.13
C3 GOL B . -8.09 -10.42 5.91
O3 GOL B . -8.31 -10.16 7.29
C1 GOL C . 5.31 16.38 1.20
O1 GOL C . 4.91 17.05 0.01
C2 GOL C . 4.04 16.03 2.09
O2 GOL C . 2.84 16.09 1.39
C3 GOL C . 4.30 14.60 2.68
O3 GOL C . 3.50 13.69 1.95
C1 GOL D . 3.55 -0.58 8.19
C1 GOL D . 3.54 -0.55 8.51
O1 GOL D . 4.66 -0.09 7.50
O1 GOL D . 4.36 -0.71 7.40
C2 GOL D . 2.55 -1.15 7.17
C2 GOL D . 2.58 -1.73 8.48
O2 GOL D . 1.95 -0.14 6.40
O2 GOL D . 1.93 -1.90 9.69
C3 GOL D . 1.52 -1.92 8.04
C3 GOL D . 1.62 -1.43 7.29
O3 GOL D . 1.96 -1.84 9.38
O3 GOL D . 2.17 -0.34 6.61
C16 A1L2E E . 4.79 -7.74 0.70
C14 A1L2E E . 5.70 -6.28 -0.83
C12 A1L2E E . 7.66 -6.03 0.64
C10 A1L2E E . 7.65 -5.15 2.87
C02 A1L2E E . 9.46 -7.58 6.71
C03 A1L2E E . 9.66 -6.40 7.40
C04 A1L2E E . 9.46 -5.18 6.78
C05 A1L2E E . 9.06 -5.13 5.46
C06 A1L2E E . 8.85 -6.31 4.75
C07 A1L2E E . 8.41 -7.12 1.06
C09 A1L2E E . 8.41 -6.22 3.28
O01 A1L2E E . 8.85 -8.13 -0.98
C01 A1L2E E . 9.05 -7.55 5.38
C08 A1L2E E . 8.80 -7.20 2.39
C11 A1L2E E . 7.27 -5.05 1.54
C13 A1L2E E . 7.18 -5.86 -0.79
C15 A1L2E E . 5.59 -7.73 -0.36
C17 A1L2E E . 4.44 -6.28 1.03
N01 A1L2E E . 8.89 -8.19 0.19
O02 A1L2E E . 9.35 -9.15 0.68
O03 A1L2E E . 4.93 -5.49 0.00
O04 A1L2E E . 3.86 -5.88 1.99
H10 A1L2E E . 4.50 -8.50 1.16
H08 A1L2E E . 5.37 -6.17 -1.74
H03 A1L2E E . 7.39 -4.49 3.48
H05 A1L2E E . 9.60 -8.39 7.13
H12 A1L2E E . 9.92 -6.43 8.29
H07 A1L2E E . 9.60 -4.39 7.26
H09 A1L2E E . 8.92 -4.31 5.05
H13 A1L2E E . 8.92 -8.34 4.91
H02 A1L2E E . 9.32 -7.91 2.68
H01 A1L2E E . 6.76 -4.34 1.25
H04 A1L2E E . 7.70 -6.43 -1.38
H06 A1L2E E . 7.27 -4.93 -1.06
H11 A1L2E E . 6.00 -8.46 -0.76
S SO4 F . -0.36 18.56 -13.15
O1 SO4 F . -1.13 17.56 -13.89
O2 SO4 F . -0.85 18.70 -11.77
O3 SO4 F . 1.04 18.15 -13.18
O4 SO4 F . -0.51 19.86 -13.80
#